data_9KRZ
#
_entry.id   9KRZ
#
_cell.length_a   50.577
_cell.length_b   91.427
_cell.length_c   68.947
_cell.angle_alpha   90.00
_cell.angle_beta   100.38
_cell.angle_gamma   90.00
#
_symmetry.space_group_name_H-M   'P 1 21 1'
#
loop_
_entity.id
_entity.type
_entity.pdbx_description
1 polymer 'Tyrosine-protein kinase Mer'
2 non-polymer ~{N}-[4-[5-[3-[(dimethylamino)methyl]phenyl]-6-(1-methylpyrazol-4-yl)furo[2,3-d]pyrimidin-4-yl]oxyphenyl]-2-(4-fluorophenyl)-1-methyl-3-oxidanylidene-pyrazole-4-carboxamide
3 water water
#
_entity_poly.entity_id   1
_entity_poly.type   'polypeptide(L)'
_entity_poly.pdbx_seq_one_letter_code
;EELQNKLEDVVIDRNLLILGKILGEGEFGSVMEGNLKQEDGTSLKVAVKTMKLDNSSQREIEEFLSEAACMKDFSHPNVI
RLLGVCIEMSSQGIPKPMVILPFMKYGDLHTYLLYSRLETGPKHIPLQTLLKFMVDIALGMEYLSNRNFLHRDLAARNCM
LRDDMTVCVADFGLSKKIYSGDYYRQGRIAKMPVKWIAIESLADRVYTSKSDVWAFGVTMWEIATRGMTPYPGVQNHEMY
DYLLHGHRLKQPEDCLDELYEIMYSCWRTDPLDRPTFSVLRLQLEKLLESLPDV
;
_entity_poly.pdbx_strand_id   A,B
#
loop_
_chem_comp.id
_chem_comp.type
_chem_comp.name
_chem_comp.formula
A1L6K non-polymer ~{N}-[4-[5-[3-[(dimethylamino)methyl]phenyl]-6-(1-methylpyrazol-4-yl)furo[2,3-d]pyrimidin-4-yl]oxyphenyl]-2-(4-fluorophenyl)-1-methyl-3-oxidanylidene-pyrazole-4-carboxamide 'C36 H31 F N8 O4'
#
# COMPACT_ATOMS: atom_id res chain seq x y z
N LEU A 7 3.33 -16.28 38.62
CA LEU A 7 2.48 -16.11 37.45
C LEU A 7 1.09 -16.69 37.68
N GLU A 8 0.33 -16.81 36.59
CA GLU A 8 -0.98 -17.44 36.49
C GLU A 8 -2.11 -16.62 37.11
N ASP A 9 -1.82 -15.46 37.71
CA ASP A 9 -2.87 -14.51 38.03
C ASP A 9 -3.54 -13.94 36.79
N VAL A 10 -3.04 -14.26 35.60
CA VAL A 10 -3.58 -13.79 34.35
C VAL A 10 -4.18 -14.94 33.54
N VAL A 11 -4.56 -16.03 34.20
CA VAL A 11 -4.95 -17.25 33.53
C VAL A 11 -6.45 -17.46 33.72
N ILE A 12 -7.14 -17.77 32.63
CA ILE A 12 -8.57 -18.06 32.62
C ILE A 12 -8.75 -19.52 32.21
N ASP A 13 -9.55 -20.27 32.98
CA ASP A 13 -9.85 -21.65 32.64
C ASP A 13 -10.39 -21.73 31.22
N ARG A 14 -9.86 -22.67 30.45
CA ARG A 14 -10.20 -22.81 29.04
C ARG A 14 -11.70 -22.91 28.82
N ASN A 15 -12.40 -23.69 29.66
CA ASN A 15 -13.85 -23.85 29.57
C ASN A 15 -14.56 -22.50 29.37
N LEU A 16 -14.06 -21.46 30.02
CA LEU A 16 -14.68 -20.13 29.98
C LEU A 16 -14.57 -19.44 28.62
N LEU A 17 -13.99 -20.08 27.61
CA LEU A 17 -13.65 -19.40 26.36
C LEU A 17 -14.19 -20.19 25.17
N ILE A 18 -15.05 -19.53 24.39
CA ILE A 18 -15.61 -20.10 23.17
C ILE A 18 -14.95 -19.40 21.99
N LEU A 19 -14.23 -20.18 21.18
CA LEU A 19 -13.44 -19.64 20.07
C LEU A 19 -14.26 -19.69 18.78
N GLY A 20 -14.44 -18.54 18.16
CA GLY A 20 -15.21 -18.46 16.93
C GLY A 20 -14.39 -18.53 15.65
N LYS A 21 -14.59 -17.55 14.77
CA LYS A 21 -13.90 -17.51 13.49
C LYS A 21 -12.60 -16.73 13.60
N ILE A 22 -11.70 -17.00 12.65
CA ILE A 22 -10.41 -16.33 12.61
C ILE A 22 -10.58 -14.93 12.01
N LEU A 23 -10.13 -13.92 12.74
CA LEU A 23 -10.17 -12.55 12.26
C LEU A 23 -8.92 -12.20 11.45
N GLY A 24 -7.90 -13.05 11.49
CA GLY A 24 -6.73 -12.91 10.65
C GLY A 24 -5.68 -13.93 11.03
N GLU A 25 -5.02 -14.53 10.04
CA GLU A 25 -4.02 -15.55 10.27
C GLU A 25 -2.65 -15.04 9.87
N GLY A 26 -1.67 -15.22 10.75
CA GLY A 26 -0.30 -14.89 10.45
C GLY A 26 0.54 -16.14 10.35
N GLU A 27 1.84 -16.04 10.59
CA GLU A 27 2.73 -17.20 10.54
C GLU A 27 3.05 -17.74 11.92
N PHE A 28 3.37 -16.87 12.87
CA PHE A 28 3.61 -17.28 14.24
C PHE A 28 2.39 -17.09 15.13
N GLY A 29 1.23 -16.78 14.56
CA GLY A 29 0.04 -16.66 15.36
C GLY A 29 -1.18 -16.36 14.51
N SER A 30 -2.34 -16.62 15.10
CA SER A 30 -3.64 -16.35 14.51
C SER A 30 -4.50 -15.62 15.55
N VAL A 31 -5.40 -14.77 15.07
CA VAL A 31 -6.33 -14.04 15.93
C VAL A 31 -7.75 -14.43 15.55
N MET A 32 -8.52 -14.86 16.54
CA MET A 32 -9.89 -15.31 16.37
C MET A 32 -10.82 -14.50 17.26
N GLU A 33 -12.08 -14.42 16.86
CA GLU A 33 -13.08 -13.81 17.72
C GLU A 33 -13.57 -14.84 18.73
N GLY A 34 -14.09 -14.35 19.86
CA GLY A 34 -14.47 -15.26 20.92
C GLY A 34 -15.40 -14.62 21.92
N ASN A 35 -15.96 -15.48 22.78
CA ASN A 35 -16.77 -15.06 23.91
C ASN A 35 -16.10 -15.55 25.19
N LEU A 36 -15.90 -14.63 26.14
CA LEU A 36 -15.38 -14.97 27.45
C LEU A 36 -16.50 -14.88 28.48
N LYS A 37 -16.68 -15.95 29.25
CA LYS A 37 -17.61 -15.92 30.37
C LYS A 37 -16.92 -15.22 31.54
N GLN A 38 -17.48 -14.11 31.99
CA GLN A 38 -16.81 -13.30 32.98
C GLN A 38 -17.13 -13.78 34.40
N GLU A 39 -16.56 -13.09 35.38
CA GLU A 39 -16.84 -13.36 36.79
C GLU A 39 -18.34 -13.19 37.10
N ASP A 40 -18.98 -12.18 36.52
CA ASP A 40 -20.33 -11.81 36.90
C ASP A 40 -21.40 -12.48 36.04
N GLY A 41 -21.11 -13.63 35.45
CA GLY A 41 -22.07 -14.37 34.67
C GLY A 41 -22.14 -13.96 33.21
N THR A 42 -21.96 -12.67 32.91
CA THR A 42 -22.10 -12.20 31.54
C THR A 42 -20.96 -12.70 30.66
N SER A 43 -21.22 -12.74 29.36
CA SER A 43 -20.22 -13.10 28.36
C SER A 43 -19.77 -11.84 27.63
N LEU A 44 -18.46 -11.62 27.59
CA LEU A 44 -17.87 -10.49 26.86
C LEU A 44 -17.36 -10.96 25.52
N LYS A 45 -17.51 -10.10 24.51
CA LYS A 45 -16.90 -10.37 23.20
C LYS A 45 -15.41 -10.11 23.29
N VAL A 46 -14.60 -11.12 23.02
CA VAL A 46 -13.15 -11.00 23.11
C VAL A 46 -12.52 -11.32 21.76
N ALA A 47 -11.27 -10.87 21.61
CA ALA A 47 -10.36 -11.35 20.59
C ALA A 47 -9.30 -12.22 21.24
N VAL A 48 -8.84 -13.23 20.52
CA VAL A 48 -7.94 -14.25 21.07
C VAL A 48 -6.82 -14.48 20.07
N LYS A 49 -5.60 -14.09 20.45
CA LYS A 49 -4.41 -14.27 19.62
C LYS A 49 -3.69 -15.54 20.06
N THR A 50 -3.81 -16.60 19.26
CA THR A 50 -3.02 -17.80 19.51
C THR A 50 -1.56 -17.51 19.15
N MET A 51 -0.66 -17.75 20.09
CA MET A 51 0.75 -17.41 19.94
C MET A 51 1.60 -18.67 19.88
N LYS A 52 2.39 -18.80 18.81
CA LYS A 52 3.33 -19.89 18.67
C LYS A 52 4.69 -19.46 19.22
N LEU A 53 5.14 -20.13 20.27
CA LEU A 53 6.44 -19.85 20.88
C LEU A 53 7.48 -20.88 20.45
N ASP A 54 8.75 -20.54 20.70
CA ASP A 54 9.86 -21.48 20.56
C ASP A 54 9.81 -22.44 21.74
N ASN A 55 9.17 -23.59 21.53
CA ASN A 55 9.00 -24.58 22.58
C ASN A 55 10.22 -25.50 22.74
N SER A 56 11.33 -25.20 22.08
CA SER A 56 12.57 -25.94 22.33
C SER A 56 13.24 -25.49 23.61
N SER A 57 12.86 -24.33 24.13
CA SER A 57 13.35 -23.78 25.38
C SER A 57 12.16 -23.13 26.07
N GLN A 58 12.42 -22.37 27.12
CA GLN A 58 11.37 -21.62 27.78
C GLN A 58 11.58 -20.12 27.75
N ARG A 59 12.62 -19.63 27.06
CA ARG A 59 12.84 -18.20 26.97
C ARG A 59 11.65 -17.47 26.34
N GLU A 60 10.94 -18.12 25.42
CA GLU A 60 9.75 -17.49 24.85
C GLU A 60 8.56 -17.61 25.80
N ILE A 61 8.32 -18.82 26.30
CA ILE A 61 7.21 -19.07 27.22
C ILE A 61 7.38 -18.21 28.49
N GLU A 62 8.57 -18.27 29.10
CA GLU A 62 8.75 -17.59 30.39
C GLU A 62 8.71 -16.08 30.24
N GLU A 63 9.18 -15.55 29.11
CA GLU A 63 8.93 -14.15 28.83
C GLU A 63 7.50 -13.89 28.40
N PHE A 64 6.80 -14.92 27.90
CA PHE A 64 5.42 -14.73 27.46
C PHE A 64 4.53 -14.46 28.66
N LEU A 65 4.48 -15.40 29.61
CA LEU A 65 3.71 -15.17 30.83
C LEU A 65 4.17 -13.92 31.56
N SER A 66 5.46 -13.62 31.53
CA SER A 66 5.99 -12.51 32.32
C SER A 66 5.64 -11.16 31.71
N GLU A 67 5.54 -11.07 30.39
CA GLU A 67 5.05 -9.83 29.78
C GLU A 67 3.58 -9.61 30.12
N ALA A 68 2.74 -10.63 29.89
CA ALA A 68 1.35 -10.57 30.33
C ALA A 68 1.24 -10.34 31.83
N ALA A 69 2.23 -10.79 32.61
CA ALA A 69 2.17 -10.63 34.06
C ALA A 69 1.97 -9.16 34.45
N CYS A 70 2.83 -8.28 33.93
CA CYS A 70 2.70 -6.86 34.22
C CYS A 70 1.80 -6.13 33.24
N MET A 71 1.49 -6.73 32.09
CA MET A 71 0.49 -6.14 31.21
C MET A 71 -0.88 -6.12 31.88
N LYS A 72 -1.18 -7.14 32.67
CA LYS A 72 -2.43 -7.16 33.42
C LYS A 72 -2.53 -5.95 34.36
N ASP A 73 -1.42 -5.58 34.99
CA ASP A 73 -1.42 -4.46 35.92
C ASP A 73 -1.42 -3.10 35.23
N PHE A 74 -1.48 -3.07 33.90
CA PHE A 74 -1.67 -1.80 33.20
C PHE A 74 -3.10 -1.33 33.32
N SER A 75 -3.29 -0.01 33.29
CA SER A 75 -4.63 0.57 33.28
C SER A 75 -4.52 1.93 32.60
N HIS A 76 -4.95 1.99 31.34
CA HIS A 76 -4.96 3.25 30.61
C HIS A 76 -5.98 3.19 29.48
N PRO A 77 -6.82 4.21 29.32
CA PRO A 77 -7.82 4.18 28.24
C PRO A 77 -7.23 4.11 26.85
N ASN A 78 -5.96 4.49 26.67
CA ASN A 78 -5.32 4.45 25.36
C ASN A 78 -4.30 3.32 25.25
N VAL A 79 -4.37 2.35 26.17
CA VAL A 79 -3.65 1.09 26.05
C VAL A 79 -4.68 -0.03 26.11
N ILE A 80 -4.63 -0.94 25.15
CA ILE A 80 -5.57 -2.06 25.15
C ILE A 80 -5.38 -2.87 26.42
N ARG A 81 -6.48 -3.41 26.94
CA ARG A 81 -6.43 -4.15 28.20
C ARG A 81 -6.21 -5.62 27.93
N LEU A 82 -5.22 -6.19 28.61
CA LEU A 82 -5.10 -7.64 28.68
C LEU A 82 -6.17 -8.18 29.63
N LEU A 83 -7.03 -9.06 29.12
CA LEU A 83 -8.04 -9.67 29.97
C LEU A 83 -7.56 -10.99 30.57
N GLY A 84 -6.59 -11.63 29.96
CA GLY A 84 -6.00 -12.83 30.53
C GLY A 84 -5.40 -13.70 29.45
N VAL A 85 -4.90 -14.85 29.89
CA VAL A 85 -4.24 -15.83 29.03
C VAL A 85 -4.86 -17.19 29.29
N CYS A 86 -4.82 -18.05 28.27
CA CYS A 86 -5.34 -19.40 28.36
C CYS A 86 -4.25 -20.39 27.96
N ILE A 87 -4.34 -21.60 28.50
CA ILE A 87 -3.38 -22.66 28.24
C ILE A 87 -4.15 -23.87 27.71
N GLU A 88 -3.90 -24.21 26.45
CA GLU A 88 -4.54 -25.33 25.78
C GLU A 88 -3.48 -26.34 25.39
N MET A 89 -3.72 -27.61 25.73
CA MET A 89 -2.78 -28.68 25.41
C MET A 89 -3.48 -29.81 24.68
N PRO A 95 1.17 -27.96 23.46
CA PRO A 95 0.65 -26.88 24.30
C PRO A 95 0.68 -25.53 23.57
N LYS A 96 -0.38 -24.74 23.70
CA LYS A 96 -0.44 -23.45 23.03
C LYS A 96 -0.99 -22.37 23.95
N PRO A 97 -0.31 -21.22 24.04
CA PRO A 97 -0.86 -20.07 24.77
C PRO A 97 -1.66 -19.16 23.85
N MET A 98 -2.58 -18.42 24.46
CA MET A 98 -3.41 -17.49 23.71
C MET A 98 -3.85 -16.34 24.61
N VAL A 99 -3.80 -15.13 24.06
CA VAL A 99 -3.98 -13.90 24.81
C VAL A 99 -5.35 -13.34 24.49
N ILE A 100 -6.10 -12.94 25.53
CA ILE A 100 -7.50 -12.55 25.39
C ILE A 100 -7.59 -11.05 25.68
N LEU A 101 -8.04 -10.30 24.67
CA LEU A 101 -8.29 -8.87 24.71
C LEU A 101 -9.75 -8.58 24.38
N PRO A 102 -10.30 -7.46 24.84
CA PRO A 102 -11.67 -7.09 24.43
C PRO A 102 -11.77 -6.91 22.93
N PHE A 103 -12.78 -7.55 22.35
CA PHE A 103 -13.10 -7.33 20.94
C PHE A 103 -13.47 -5.87 20.68
N MET A 104 -13.06 -5.36 19.53
CA MET A 104 -13.38 -3.99 19.12
C MET A 104 -13.87 -4.03 17.68
N LYS A 105 -15.19 -3.91 17.52
CA LYS A 105 -15.85 -3.99 16.21
C LYS A 105 -15.28 -2.99 15.20
N TYR A 106 -14.60 -1.94 15.65
CA TYR A 106 -14.13 -0.90 14.75
C TYR A 106 -12.75 -1.19 14.18
N GLY A 107 -12.10 -2.27 14.62
CA GLY A 107 -10.83 -2.73 14.09
C GLY A 107 -9.71 -1.70 14.18
N ASP A 108 -8.64 -1.99 13.43
CA ASP A 108 -7.43 -1.20 13.49
C ASP A 108 -7.64 0.18 12.85
N LEU A 109 -6.79 1.12 13.24
CA LEU A 109 -6.91 2.49 12.75
C LEU A 109 -6.50 2.58 11.28
N HIS A 110 -5.47 1.83 10.87
CA HIS A 110 -5.01 1.87 9.50
C HIS A 110 -6.14 1.53 8.52
N THR A 111 -6.75 0.36 8.67
CA THR A 111 -7.91 0.00 7.87
C THR A 111 -8.99 1.06 7.93
N TYR A 112 -9.20 1.64 9.12
CA TYR A 112 -10.22 2.67 9.27
C TYR A 112 -9.91 3.89 8.42
N LEU A 113 -8.64 4.30 8.38
CA LEU A 113 -8.27 5.46 7.57
C LEU A 113 -8.59 5.22 6.10
N LEU A 114 -8.28 4.02 5.59
CA LEU A 114 -8.60 3.70 4.21
C LEU A 114 -10.10 3.73 3.97
N TYR A 115 -10.88 3.17 4.89
CA TYR A 115 -12.34 3.13 4.72
C TYR A 115 -12.92 4.54 4.60
N SER A 116 -12.38 5.50 5.35
CA SER A 116 -12.88 6.87 5.28
C SER A 116 -12.78 7.44 3.87
N ARG A 117 -11.82 6.97 3.07
CA ARG A 117 -11.69 7.42 1.69
C ARG A 117 -12.82 6.95 0.80
N LEU A 118 -13.67 6.03 1.25
CA LEU A 118 -14.78 5.54 0.45
C LEU A 118 -16.06 6.28 0.82
N GLU A 119 -16.86 6.62 -0.20
CA GLU A 119 -18.13 7.32 0.03
C GLU A 119 -19.04 6.53 0.96
N THR A 120 -19.07 5.22 0.81
CA THR A 120 -19.89 4.33 1.63
C THR A 120 -19.26 4.01 2.97
N GLY A 121 -18.04 4.45 3.22
CA GLY A 121 -17.35 4.21 4.47
C GLY A 121 -17.56 5.38 5.41
N PRO A 122 -16.93 5.33 6.59
CA PRO A 122 -17.07 6.43 7.55
C PRO A 122 -16.82 7.79 6.91
N LYS A 123 -17.41 8.83 7.49
CA LYS A 123 -17.32 10.16 6.92
C LYS A 123 -15.86 10.60 6.78
N HIS A 124 -15.65 11.60 5.93
CA HIS A 124 -14.33 12.18 5.77
C HIS A 124 -13.83 12.68 7.13
N ILE A 125 -12.72 12.11 7.59
CA ILE A 125 -12.18 12.45 8.91
C ILE A 125 -11.64 13.87 8.87
N PRO A 126 -12.16 14.79 9.67
CA PRO A 126 -11.58 16.14 9.73
C PRO A 126 -10.19 16.11 10.33
N LEU A 127 -9.42 17.15 10.03
CA LEU A 127 -8.08 17.29 10.60
C LEU A 127 -8.09 17.16 12.12
N GLN A 128 -9.09 17.74 12.78
CA GLN A 128 -9.15 17.70 14.24
C GLN A 128 -9.21 16.27 14.76
N THR A 129 -10.07 15.44 14.18
CA THR A 129 -10.15 14.05 14.59
C THR A 129 -8.83 13.32 14.36
N LEU A 130 -8.18 13.58 13.23
CA LEU A 130 -6.86 13.01 12.96
C LEU A 130 -5.87 13.37 14.06
N LEU A 131 -5.86 14.64 14.47
CA LEU A 131 -4.99 15.05 15.58
C LEU A 131 -5.36 14.31 16.85
N LYS A 132 -6.66 14.24 17.17
CA LYS A 132 -7.09 13.50 18.36
C LYS A 132 -6.67 12.05 18.28
N PHE A 133 -6.71 11.46 17.08
CA PHE A 133 -6.15 10.12 16.88
C PHE A 133 -4.71 10.03 17.36
N MET A 134 -3.89 11.04 17.03
CA MET A 134 -2.49 10.98 17.41
C MET A 134 -2.28 11.35 18.87
N VAL A 135 -3.08 12.29 19.40
CA VAL A 135 -3.08 12.57 20.83
C VAL A 135 -3.29 11.26 21.61
N ASP A 136 -4.32 10.51 21.24
CA ASP A 136 -4.62 9.25 21.92
C ASP A 136 -3.41 8.32 21.93
N ILE A 137 -2.84 8.04 20.76
CA ILE A 137 -1.67 7.17 20.67
C ILE A 137 -0.54 7.69 21.57
N ALA A 138 -0.30 9.00 21.54
CA ALA A 138 0.76 9.56 22.38
C ALA A 138 0.46 9.36 23.85
N LEU A 139 -0.78 9.58 24.26
CA LEU A 139 -1.18 9.30 25.64
C LEU A 139 -0.87 7.86 26.03
N GLY A 140 -1.25 6.91 25.17
CA GLY A 140 -0.93 5.51 25.43
C GLY A 140 0.55 5.23 25.46
N MET A 141 1.33 5.94 24.64
CA MET A 141 2.78 5.73 24.62
C MET A 141 3.45 6.38 25.82
N GLU A 142 3.02 7.59 26.18
CA GLU A 142 3.54 8.25 27.37
C GLU A 142 3.37 7.36 28.61
N TYR A 143 2.17 6.83 28.81
CA TYR A 143 1.94 5.86 29.88
C TYR A 143 2.91 4.69 29.79
N LEU A 144 3.12 4.17 28.58
CA LEU A 144 3.95 2.98 28.42
C LEU A 144 5.42 3.28 28.68
N SER A 145 5.89 4.44 28.25
CA SER A 145 7.31 4.75 28.40
C SER A 145 7.63 5.25 29.81
N ASN A 146 6.70 5.99 30.43
CA ASN A 146 6.89 6.36 31.83
C ASN A 146 6.92 5.16 32.76
N ARG A 147 6.59 3.96 32.26
CA ARG A 147 6.84 2.71 32.97
C ARG A 147 7.98 1.93 32.34
N ASN A 148 8.77 2.56 31.46
CA ASN A 148 9.90 1.95 30.77
C ASN A 148 9.47 0.66 30.06
N PHE A 149 8.36 0.74 29.33
CA PHE A 149 7.88 -0.34 28.49
C PHE A 149 8.14 -0.01 27.03
N LEU A 150 8.87 -0.88 26.34
CA LEU A 150 9.19 -0.69 24.94
C LEU A 150 8.24 -1.49 24.07
N HIS A 151 7.63 -0.83 23.08
CA HIS A 151 6.61 -1.46 22.25
C HIS A 151 7.24 -2.28 21.12
N ARG A 152 8.05 -1.64 20.30
CA ARG A 152 8.90 -2.16 19.23
C ARG A 152 8.13 -2.51 17.95
N ASP A 153 6.80 -2.36 17.91
CA ASP A 153 6.08 -2.47 16.64
C ASP A 153 5.05 -1.37 16.47
N LEU A 154 5.38 -0.14 16.85
CA LEU A 154 4.41 0.94 16.68
C LEU A 154 4.10 1.16 15.20
N ALA A 155 2.82 1.10 14.86
CA ALA A 155 2.34 1.41 13.51
C ALA A 155 0.83 1.60 13.60
N ALA A 156 0.26 2.22 12.56
CA ALA A 156 -1.18 2.42 12.57
C ALA A 156 -1.94 1.11 12.45
N ARG A 157 -1.33 0.08 11.86
CA ARG A 157 -1.97 -1.24 11.83
C ARG A 157 -2.08 -1.87 13.22
N ASN A 158 -1.32 -1.38 14.19
CA ASN A 158 -1.34 -1.93 15.54
C ASN A 158 -2.11 -1.06 16.52
N CYS A 159 -2.84 -0.06 16.04
CA CYS A 159 -3.65 0.81 16.90
C CYS A 159 -5.11 0.42 16.73
N MET A 160 -5.77 0.12 17.84
CA MET A 160 -7.16 -0.30 17.81
C MET A 160 -8.09 0.89 18.05
N LEU A 161 -9.32 0.76 17.54
CA LEU A 161 -10.37 1.76 17.74
C LEU A 161 -11.40 1.20 18.71
N ARG A 162 -11.39 1.69 19.95
CA ARG A 162 -12.43 1.33 20.91
C ARG A 162 -13.79 1.80 20.42
N ASP A 163 -14.84 1.32 21.10
CA ASP A 163 -16.20 1.61 20.65
C ASP A 163 -16.58 3.07 20.83
N ASP A 164 -15.83 3.84 21.62
CA ASP A 164 -16.06 5.26 21.77
C ASP A 164 -15.27 6.10 20.77
N MET A 165 -14.62 5.46 19.81
CA MET A 165 -13.82 6.06 18.75
C MET A 165 -12.51 6.66 19.26
N THR A 166 -12.12 6.40 20.50
CA THR A 166 -10.78 6.68 20.95
C THR A 166 -9.84 5.55 20.51
N VAL A 167 -8.55 5.85 20.45
CA VAL A 167 -7.54 4.91 20.00
C VAL A 167 -6.79 4.35 21.21
N CYS A 168 -6.55 3.05 21.20
CA CYS A 168 -5.71 2.39 22.19
C CYS A 168 -4.55 1.69 21.50
N VAL A 169 -3.36 1.83 22.08
CA VAL A 169 -2.16 1.20 21.53
C VAL A 169 -2.23 -0.31 21.76
N ALA A 170 -1.73 -1.08 20.79
CA ALA A 170 -1.63 -2.52 20.92
C ALA A 170 -0.37 -3.02 20.22
N ASP A 171 -0.14 -4.33 20.29
CA ASP A 171 1.05 -4.96 19.69
C ASP A 171 0.65 -6.35 19.21
N PHE A 172 0.35 -6.46 17.93
CA PHE A 172 -0.03 -7.74 17.34
C PHE A 172 1.03 -8.82 17.56
N PRO A 193 8.67 -4.53 8.54
CA PRO A 193 8.33 -3.24 9.15
C PRO A 193 9.50 -2.26 9.09
N VAL A 194 10.43 -2.50 8.17
CA VAL A 194 11.65 -1.70 8.08
C VAL A 194 11.35 -0.21 7.97
N LYS A 195 10.23 0.15 7.33
CA LYS A 195 9.91 1.56 7.15
C LYS A 195 9.47 2.24 8.43
N TRP A 196 9.26 1.51 9.52
CA TRP A 196 8.95 2.10 10.81
C TRP A 196 10.12 2.07 11.78
N ILE A 197 11.25 1.51 11.39
CA ILE A 197 12.37 1.24 12.29
C ILE A 197 13.36 2.40 12.23
N ALA A 198 13.76 2.89 13.40
CA ALA A 198 14.63 4.06 13.49
C ALA A 198 16.03 3.74 12.97
N ILE A 199 16.61 4.70 12.27
CA ILE A 199 17.91 4.52 11.61
C ILE A 199 18.97 3.97 12.55
N GLU A 200 18.92 4.36 13.83
CA GLU A 200 19.86 3.81 14.80
C GLU A 200 19.62 2.33 15.02
N SER A 201 18.38 1.88 14.85
CA SER A 201 18.03 0.48 15.07
C SER A 201 18.30 -0.39 13.84
N LEU A 202 18.42 0.21 12.65
CA LEU A 202 18.69 -0.61 11.48
C LEU A 202 20.15 -1.06 11.40
N ALA A 203 21.10 -0.14 11.63
CA ALA A 203 22.50 -0.54 11.55
C ALA A 203 22.98 -1.22 12.84
N ASP A 204 22.89 -0.51 13.95
CA ASP A 204 23.04 -1.12 15.27
C ASP A 204 21.77 -1.88 15.62
N ARG A 205 21.91 -3.03 16.24
CA ARG A 205 20.72 -3.67 16.81
C ARG A 205 20.51 -3.07 18.19
N VAL A 206 19.61 -2.09 18.27
CA VAL A 206 19.26 -1.46 19.54
C VAL A 206 17.81 -0.97 19.45
N TYR A 207 17.20 -0.77 20.62
CA TYR A 207 15.85 -0.22 20.69
C TYR A 207 15.69 0.48 22.03
N THR A 208 15.70 1.82 22.02
CA THR A 208 15.32 2.56 23.21
C THR A 208 13.92 3.15 23.03
N SER A 209 13.47 3.91 24.03
CA SER A 209 12.20 4.61 23.89
C SER A 209 12.21 5.58 22.72
N LYS A 210 13.37 6.14 22.40
CA LYS A 210 13.48 7.03 21.24
C LYS A 210 13.15 6.30 19.94
N SER A 211 13.35 4.98 19.90
CA SER A 211 13.00 4.23 18.70
C SER A 211 11.50 4.17 18.51
N ASP A 212 10.76 3.86 19.59
CA ASP A 212 9.30 3.98 19.57
C ASP A 212 8.88 5.36 19.08
N VAL A 213 9.52 6.41 19.60
CA VAL A 213 9.22 7.78 19.17
C VAL A 213 9.35 7.91 17.65
N TRP A 214 10.35 7.26 17.06
CA TRP A 214 10.51 7.31 15.61
C TRP A 214 9.31 6.67 14.92
N ALA A 215 8.96 5.46 15.32
CA ALA A 215 7.77 4.82 14.77
C ALA A 215 6.52 5.65 14.99
N PHE A 216 6.45 6.39 16.11
CA PHE A 216 5.34 7.31 16.33
C PHE A 216 5.29 8.37 15.24
N GLY A 217 6.45 8.86 14.80
CA GLY A 217 6.48 9.83 13.72
C GLY A 217 5.91 9.26 12.43
N VAL A 218 6.30 8.02 12.10
CA VAL A 218 5.76 7.37 10.91
C VAL A 218 4.27 7.13 11.08
N THR A 219 3.86 6.61 12.24
CA THR A 219 2.44 6.44 12.54
C THR A 219 1.68 7.74 12.35
N MET A 220 2.23 8.84 12.88
CA MET A 220 1.66 10.17 12.63
C MET A 220 1.53 10.43 11.14
N TRP A 221 2.58 10.16 10.38
CA TRP A 221 2.54 10.38 8.94
C TRP A 221 1.55 9.42 8.27
N GLU A 222 1.57 8.16 8.68
CA GLU A 222 0.57 7.19 8.22
C GLU A 222 -0.85 7.71 8.44
N ILE A 223 -1.08 8.44 9.53
CA ILE A 223 -2.41 8.97 9.82
C ILE A 223 -2.68 10.23 9.02
N ALA A 224 -1.72 11.15 8.98
CA ALA A 224 -1.89 12.40 8.26
C ALA A 224 -2.12 12.18 6.77
N THR A 225 -1.73 11.02 6.25
CA THR A 225 -1.96 10.66 4.85
C THR A 225 -3.20 9.80 4.68
N ARG A 226 -3.84 9.40 5.77
CA ARG A 226 -5.04 8.55 5.73
C ARG A 226 -4.73 7.18 5.14
N GLY A 227 -3.53 6.67 5.40
CA GLY A 227 -3.17 5.31 5.10
C GLY A 227 -2.19 5.08 3.97
N MET A 228 -1.51 6.13 3.49
CA MET A 228 -0.45 5.93 2.51
C MET A 228 0.65 5.07 3.11
N THR A 229 1.23 4.20 2.28
CA THR A 229 2.41 3.47 2.72
C THR A 229 3.57 4.45 2.90
N PRO A 230 4.35 4.33 3.97
CA PRO A 230 5.49 5.23 4.15
C PRO A 230 6.47 5.14 2.99
N TYR A 231 7.09 6.29 2.69
CA TYR A 231 8.17 6.40 1.72
C TYR A 231 7.76 5.92 0.34
N PRO A 232 6.76 6.55 -0.29
CA PRO A 232 6.40 6.18 -1.66
C PRO A 232 7.58 6.37 -2.62
N GLY A 233 7.79 5.36 -3.47
CA GLY A 233 8.90 5.38 -4.40
C GLY A 233 10.22 4.91 -3.84
N VAL A 234 10.30 4.62 -2.55
CA VAL A 234 11.51 4.08 -1.92
C VAL A 234 11.26 2.62 -1.57
N GLN A 235 12.18 1.75 -1.99
CA GLN A 235 12.06 0.33 -1.74
C GLN A 235 12.58 -0.02 -0.35
N ASN A 236 12.13 -1.17 0.15
CA ASN A 236 12.48 -1.60 1.50
C ASN A 236 13.98 -1.71 1.68
N HIS A 237 14.66 -2.43 0.77
CA HIS A 237 16.10 -2.64 0.89
C HIS A 237 16.92 -1.36 0.76
N GLU A 238 16.32 -0.24 0.34
CA GLU A 238 17.02 1.02 0.20
C GLU A 238 16.80 1.95 1.39
N MET A 239 16.20 1.44 2.48
CA MET A 239 15.76 2.33 3.55
C MET A 239 16.94 2.94 4.29
N TYR A 240 17.91 2.11 4.70
CA TYR A 240 19.08 2.62 5.41
C TYR A 240 19.81 3.67 4.59
N ASP A 241 20.10 3.37 3.33
CA ASP A 241 20.79 4.33 2.48
C ASP A 241 20.00 5.62 2.32
N TYR A 242 18.67 5.50 2.19
CA TYR A 242 17.82 6.68 2.12
C TYR A 242 17.90 7.49 3.42
N LEU A 243 17.79 6.80 4.56
CA LEU A 243 17.79 7.50 5.84
C LEU A 243 19.16 8.07 6.17
N LEU A 244 20.23 7.30 5.93
CA LEU A 244 21.56 7.76 6.33
C LEU A 244 22.02 8.96 5.51
N HIS A 245 21.62 9.04 4.24
CA HIS A 245 21.87 10.24 3.45
C HIS A 245 21.07 11.44 3.95
N GLY A 246 20.21 11.26 4.95
CA GLY A 246 19.52 12.37 5.58
C GLY A 246 18.11 12.64 5.08
N HIS A 247 17.51 11.73 4.32
CA HIS A 247 16.17 11.95 3.80
C HIS A 247 15.13 11.44 4.79
N ARG A 248 14.01 12.14 4.85
CA ARG A 248 12.93 11.83 5.78
C ARG A 248 11.59 11.76 5.04
N LEU A 249 10.61 11.19 5.72
CA LEU A 249 9.22 11.25 5.25
C LEU A 249 8.83 12.70 4.95
N LYS A 250 7.90 12.86 4.02
CA LYS A 250 7.66 14.12 3.33
C LYS A 250 6.34 14.73 3.80
N GLN A 251 6.30 16.05 3.87
CA GLN A 251 5.11 16.78 4.32
C GLN A 251 3.92 16.48 3.42
N PRO A 252 2.84 15.92 3.95
CA PRO A 252 1.67 15.62 3.10
C PRO A 252 1.02 16.89 2.58
N GLU A 253 0.19 16.69 1.55
CA GLU A 253 -0.25 17.80 0.68
C GLU A 253 -0.81 18.97 1.48
N ASP A 254 -1.69 18.70 2.44
CA ASP A 254 -2.28 19.76 3.24
C ASP A 254 -2.06 19.53 4.73
N CYS A 255 -0.91 18.98 5.09
CA CYS A 255 -0.55 18.81 6.49
C CYS A 255 -0.07 20.14 7.06
N LEU A 256 -0.58 20.49 8.24
CA LEU A 256 -0.17 21.73 8.90
C LEU A 256 1.34 21.76 9.10
N ASP A 257 1.92 22.96 8.99
CA ASP A 257 3.35 23.12 9.16
C ASP A 257 3.78 22.78 10.58
N GLU A 258 2.97 23.18 11.56
CA GLU A 258 3.27 22.83 12.95
C GLU A 258 3.19 21.33 13.17
N LEU A 259 2.22 20.67 12.52
CA LEU A 259 2.06 19.22 12.71
C LEU A 259 3.22 18.46 12.08
N TYR A 260 3.70 18.90 10.91
CA TYR A 260 4.80 18.19 10.27
C TYR A 260 6.12 18.39 11.01
N GLU A 261 6.32 19.56 11.63
CA GLU A 261 7.54 19.76 12.39
C GLU A 261 7.55 18.94 13.68
N ILE A 262 6.36 18.63 14.22
CA ILE A 262 6.29 17.73 15.35
C ILE A 262 6.71 16.32 14.94
N MET A 263 6.15 15.83 13.84
CA MET A 263 6.49 14.48 13.36
C MET A 263 7.92 14.42 12.85
N TYR A 264 8.47 15.52 12.34
CA TYR A 264 9.85 15.53 11.89
C TYR A 264 10.81 15.41 13.07
N SER A 265 10.50 16.07 14.19
CA SER A 265 11.30 15.94 15.40
C SER A 265 11.41 14.50 15.87
N CYS A 266 10.46 13.63 15.48
CA CYS A 266 10.52 12.22 15.81
C CYS A 266 11.61 11.47 15.06
N TRP A 267 12.17 12.06 14.01
CA TRP A 267 13.09 11.36 13.13
C TRP A 267 14.51 11.95 13.16
N ARG A 268 14.80 12.81 14.14
CA ARG A 268 16.14 13.38 14.26
C ARG A 268 17.19 12.27 14.33
N THR A 269 18.32 12.51 13.66
CA THR A 269 19.37 11.50 13.53
C THR A 269 19.77 10.90 14.88
N ASP A 270 19.84 11.72 15.93
CA ASP A 270 20.33 11.26 17.22
C ASP A 270 19.14 10.98 18.13
N PRO A 271 19.04 9.77 18.69
CA PRO A 271 17.90 9.46 19.58
C PRO A 271 17.67 10.47 20.69
N LEU A 272 18.74 10.95 21.32
CA LEU A 272 18.56 11.85 22.47
C LEU A 272 18.01 13.20 22.05
N ASP A 273 18.26 13.62 20.81
CA ASP A 273 17.71 14.88 20.32
C ASP A 273 16.22 14.80 20.05
N ARG A 274 15.63 13.61 20.04
CA ARG A 274 14.20 13.50 19.83
C ARG A 274 13.43 13.83 21.10
N PRO A 275 12.20 14.31 20.98
CA PRO A 275 11.38 14.54 22.17
C PRO A 275 10.85 13.24 22.76
N THR A 276 10.45 13.31 24.01
CA THR A 276 9.80 12.18 24.66
C THR A 276 8.31 12.15 24.32
N PHE A 277 7.68 11.02 24.62
CA PHE A 277 6.24 10.91 24.41
C PHE A 277 5.46 11.90 25.27
N SER A 278 5.95 12.16 26.49
CA SER A 278 5.32 13.17 27.34
C SER A 278 5.35 14.54 26.67
N VAL A 279 6.47 14.89 26.04
CA VAL A 279 6.59 16.19 25.39
C VAL A 279 5.75 16.23 24.12
N LEU A 280 5.78 15.16 23.33
CA LEU A 280 4.99 15.11 22.10
C LEU A 280 3.50 15.19 22.42
N ARG A 281 3.06 14.47 23.46
CA ARG A 281 1.64 14.44 23.79
C ARG A 281 1.10 15.84 24.09
N LEU A 282 1.93 16.72 24.66
CA LEU A 282 1.46 18.05 25.01
C LEU A 282 1.58 19.03 23.86
N GLN A 283 2.56 18.82 22.97
CA GLN A 283 2.62 19.58 21.73
C GLN A 283 1.37 19.35 20.89
N LEU A 284 0.97 18.09 20.74
CA LEU A 284 -0.22 17.78 19.96
C LEU A 284 -1.49 18.27 20.65
N GLU A 285 -1.57 18.14 21.98
CA GLU A 285 -2.71 18.69 22.70
C GLU A 285 -2.81 20.20 22.51
N LYS A 286 -1.68 20.89 22.51
CA LYS A 286 -1.68 22.34 22.29
C LYS A 286 -2.09 22.67 20.85
N LEU A 287 -1.54 21.94 19.88
CA LEU A 287 -1.88 22.17 18.49
C LEU A 287 -3.36 21.90 18.23
N LEU A 288 -3.90 20.82 18.83
CA LEU A 288 -5.29 20.45 18.57
C LEU A 288 -6.25 21.50 19.14
N GLU A 289 -5.95 22.04 20.33
CA GLU A 289 -6.80 23.07 20.90
C GLU A 289 -6.63 24.43 20.23
N SER A 290 -5.62 24.59 19.39
CA SER A 290 -5.48 25.83 18.62
C SER A 290 -6.48 25.91 17.48
N LEU A 291 -6.93 24.78 16.99
CA LEU A 291 -7.88 24.60 15.91
C LEU A 291 -9.32 24.69 16.41
N PRO A 292 -10.23 25.17 15.57
CA PRO A 292 -11.65 25.18 15.97
C PRO A 292 -12.23 23.77 15.90
N ASP A 293 -13.51 23.61 16.17
CA ASP A 293 -14.06 22.31 16.52
C ASP A 293 -14.71 21.65 15.32
N VAL A 294 -14.39 20.37 15.11
CA VAL A 294 -14.91 19.54 14.03
C VAL A 294 -14.97 20.27 12.70
N ASN B 5 14.53 -12.38 -41.01
CA ASN B 5 13.10 -12.53 -41.19
C ASN B 5 12.49 -11.54 -40.20
N LYS B 6 12.99 -10.31 -40.25
CA LYS B 6 12.42 -9.12 -39.62
C LYS B 6 12.66 -9.17 -38.12
N LEU B 7 13.26 -10.25 -37.64
CA LEU B 7 13.96 -10.18 -36.36
C LEU B 7 15.02 -9.10 -36.44
N GLU B 8 15.81 -9.11 -37.52
CA GLU B 8 16.91 -8.16 -37.68
C GLU B 8 16.39 -6.72 -37.68
N ASP B 9 15.34 -6.46 -38.45
CA ASP B 9 14.74 -5.12 -38.47
C ASP B 9 14.43 -4.61 -37.06
N VAL B 10 14.19 -5.51 -36.11
CA VAL B 10 13.98 -5.08 -34.74
C VAL B 10 15.26 -5.06 -33.91
N VAL B 11 16.23 -5.93 -34.19
CA VAL B 11 17.41 -6.04 -33.34
C VAL B 11 18.30 -4.81 -33.51
N ILE B 12 18.93 -4.41 -32.40
CA ILE B 12 19.91 -3.34 -32.40
C ILE B 12 21.23 -3.94 -31.94
N ASP B 13 22.30 -3.65 -32.68
CA ASP B 13 23.62 -4.15 -32.32
C ASP B 13 23.98 -3.71 -30.90
N ARG B 14 24.59 -4.63 -30.15
CA ARG B 14 24.86 -4.38 -28.75
C ARG B 14 25.76 -3.17 -28.55
N ASN B 15 26.74 -2.98 -29.44
CA ASN B 15 27.70 -1.89 -29.27
C ASN B 15 27.10 -0.51 -29.42
N LEU B 16 25.83 -0.37 -29.83
CA LEU B 16 25.20 0.94 -29.85
C LEU B 16 24.64 1.38 -28.51
N LEU B 17 24.63 0.50 -27.50
CA LEU B 17 23.93 0.78 -26.26
C LEU B 17 24.91 0.84 -25.09
N ILE B 18 24.68 1.80 -24.20
CA ILE B 18 25.46 1.94 -22.97
C ILE B 18 24.49 1.81 -21.79
N LEU B 19 24.80 0.88 -20.89
CA LEU B 19 23.93 0.59 -19.75
C LEU B 19 24.32 1.45 -18.55
N GLY B 20 23.31 2.00 -17.88
CA GLY B 20 23.56 2.80 -16.69
C GLY B 20 23.06 2.15 -15.42
N LYS B 21 22.47 2.94 -14.52
CA LYS B 21 22.06 2.43 -13.23
C LYS B 21 20.65 1.82 -13.30
N ILE B 22 20.24 1.20 -12.20
CA ILE B 22 18.95 0.52 -12.14
C ILE B 22 17.86 1.56 -11.92
N LEU B 23 16.78 1.45 -12.71
CA LEU B 23 15.53 2.15 -12.40
C LEU B 23 14.61 1.31 -11.54
N GLY B 24 14.68 -0.01 -11.69
CA GLY B 24 13.89 -0.93 -10.89
C GLY B 24 14.33 -2.34 -11.21
N GLU B 25 14.01 -3.26 -10.31
CA GLU B 25 14.48 -4.63 -10.48
C GLU B 25 13.40 -5.62 -10.12
N GLY B 26 13.28 -6.65 -10.95
CA GLY B 26 12.41 -7.78 -10.68
C GLY B 26 13.18 -9.07 -10.90
N GLU B 27 12.71 -10.13 -10.25
CA GLU B 27 13.38 -11.41 -10.38
C GLU B 27 13.39 -11.88 -11.83
N PHE B 28 12.26 -11.74 -12.53
CA PHE B 28 12.23 -12.05 -13.95
C PHE B 28 13.15 -11.13 -14.75
N GLY B 29 13.21 -9.86 -14.39
CA GLY B 29 14.00 -8.91 -15.15
C GLY B 29 14.19 -7.60 -14.41
N SER B 30 15.25 -6.89 -14.79
CA SER B 30 15.60 -5.60 -14.22
C SER B 30 15.64 -4.55 -15.32
N VAL B 31 15.36 -3.31 -14.95
CA VAL B 31 15.31 -2.20 -15.89
C VAL B 31 16.42 -1.22 -15.53
N MET B 32 17.18 -0.80 -16.54
CA MET B 32 18.29 0.12 -16.38
C MET B 32 18.11 1.31 -17.31
N GLU B 33 18.61 2.47 -16.88
CA GLU B 33 18.74 3.57 -17.81
C GLU B 33 19.80 3.24 -18.87
N GLY B 34 19.75 3.95 -19.98
CA GLY B 34 20.70 3.69 -21.04
C GLY B 34 20.81 4.84 -22.01
N ASN B 35 21.91 4.85 -22.75
CA ASN B 35 22.08 5.73 -23.90
C ASN B 35 22.13 4.87 -25.16
N LEU B 36 21.22 5.14 -26.10
CA LEU B 36 21.18 4.45 -27.38
C LEU B 36 21.67 5.39 -28.48
N LYS B 37 22.67 4.96 -29.24
CA LYS B 37 23.11 5.71 -30.40
C LYS B 37 22.15 5.45 -31.54
N GLN B 38 21.69 6.53 -32.18
CA GLN B 38 20.61 6.45 -33.15
C GLN B 38 21.14 6.52 -34.58
N GLU B 39 20.20 6.48 -35.53
CA GLU B 39 20.54 6.58 -36.95
C GLU B 39 21.31 7.87 -37.26
N ASP B 40 20.86 8.99 -36.71
CA ASP B 40 21.38 10.30 -37.06
C ASP B 40 22.54 10.74 -36.17
N GLY B 41 23.15 9.80 -35.45
CA GLY B 41 24.28 10.07 -34.59
C GLY B 41 23.92 10.64 -33.23
N THR B 42 22.71 11.15 -33.04
CA THR B 42 22.29 11.59 -31.73
C THR B 42 22.08 10.40 -30.81
N SER B 43 22.20 10.63 -29.51
CA SER B 43 21.92 9.62 -28.50
C SER B 43 20.62 9.95 -27.79
N LEU B 44 19.82 8.94 -27.54
CA LEU B 44 18.54 9.08 -26.86
C LEU B 44 18.58 8.37 -25.53
N LYS B 45 17.97 8.97 -24.51
CA LYS B 45 17.85 8.29 -23.22
C LYS B 45 16.82 7.18 -23.33
N VAL B 46 17.19 5.97 -22.92
CA VAL B 46 16.34 4.81 -23.08
C VAL B 46 16.25 4.06 -21.76
N ALA B 47 15.20 3.26 -21.64
CA ALA B 47 15.10 2.24 -20.62
C ALA B 47 15.43 0.89 -21.24
N VAL B 48 16.04 0.01 -20.43
CA VAL B 48 16.55 -1.26 -20.91
C VAL B 48 16.11 -2.32 -19.91
N LYS B 49 15.14 -3.13 -20.29
CA LYS B 49 14.66 -4.23 -19.46
C LYS B 49 15.32 -5.52 -19.95
N THR B 50 16.05 -6.17 -19.05
CA THR B 50 16.73 -7.42 -19.39
C THR B 50 15.84 -8.59 -19.00
N MET B 51 15.69 -9.55 -19.91
CA MET B 51 14.80 -10.68 -19.73
C MET B 51 15.61 -11.96 -19.65
N LYS B 52 15.33 -12.77 -18.65
CA LYS B 52 15.94 -14.09 -18.54
C LYS B 52 14.90 -15.13 -18.89
N LEU B 53 15.21 -15.98 -19.87
CA LEU B 53 14.35 -17.07 -20.31
C LEU B 53 15.11 -18.38 -20.18
N ASP B 54 14.48 -19.39 -19.60
CA ASP B 54 15.07 -20.72 -19.60
C ASP B 54 15.20 -21.20 -21.04
N ASN B 55 16.34 -21.81 -21.35
CA ASN B 55 16.66 -22.22 -22.72
C ASN B 55 15.63 -23.20 -23.27
N ILE B 61 12.87 -18.46 -26.81
CA ILE B 61 13.40 -17.15 -27.16
C ILE B 61 12.83 -16.71 -28.49
N GLU B 62 12.76 -17.64 -29.45
CA GLU B 62 12.08 -17.38 -30.73
C GLU B 62 10.75 -16.68 -30.52
N GLU B 63 9.96 -17.14 -29.55
CA GLU B 63 8.73 -16.44 -29.19
C GLU B 63 9.03 -14.99 -28.81
N PHE B 64 9.84 -14.79 -27.76
CA PHE B 64 10.30 -13.46 -27.37
C PHE B 64 10.67 -12.60 -28.58
N LEU B 65 11.53 -13.13 -29.44
CA LEU B 65 11.96 -12.37 -30.61
C LEU B 65 10.86 -12.16 -31.64
N SER B 66 9.67 -12.77 -31.45
CA SER B 66 8.54 -12.42 -32.30
C SER B 66 7.52 -11.53 -31.63
N GLU B 67 7.51 -11.45 -30.29
CA GLU B 67 6.73 -10.42 -29.62
C GLU B 67 7.23 -9.03 -29.99
N ALA B 68 8.51 -8.75 -29.69
CA ALA B 68 9.14 -7.50 -30.09
C ALA B 68 8.90 -7.17 -31.56
N ALA B 69 8.77 -8.20 -32.41
CA ALA B 69 8.54 -7.96 -33.83
C ALA B 69 7.19 -7.26 -34.05
N CYS B 70 6.11 -7.90 -33.61
CA CYS B 70 4.79 -7.28 -33.75
C CYS B 70 4.66 -6.07 -32.83
N MET B 71 5.27 -6.13 -31.64
CA MET B 71 5.18 -4.99 -30.73
C MET B 71 5.89 -3.76 -31.29
N LYS B 72 6.92 -3.95 -32.12
CA LYS B 72 7.53 -2.81 -32.79
C LYS B 72 6.60 -2.22 -33.84
N ASP B 73 5.77 -3.05 -34.47
CA ASP B 73 4.90 -2.57 -35.53
C ASP B 73 3.76 -1.69 -35.02
N PHE B 74 3.54 -1.60 -33.71
CA PHE B 74 2.56 -0.65 -33.21
C PHE B 74 3.05 0.78 -33.41
N SER B 75 2.10 1.71 -33.56
CA SER B 75 2.37 3.11 -33.29
C SER B 75 1.09 3.74 -32.77
N HIS B 76 0.96 3.84 -31.45
CA HIS B 76 0.00 4.74 -30.84
C HIS B 76 0.72 5.68 -29.89
N PRO B 77 0.35 6.96 -29.84
CA PRO B 77 0.93 7.85 -28.82
C PRO B 77 0.61 7.45 -27.39
N ASN B 78 -0.46 6.67 -27.16
CA ASN B 78 -0.80 6.20 -25.83
C ASN B 78 -0.35 4.75 -25.59
N VAL B 79 0.53 4.23 -26.44
CA VAL B 79 1.22 2.97 -26.20
C VAL B 79 2.70 3.27 -26.12
N ILE B 80 3.42 2.57 -25.24
CA ILE B 80 4.85 2.74 -25.20
C ILE B 80 5.44 2.07 -26.43
N ARG B 81 6.55 2.61 -26.92
CA ARG B 81 7.07 2.21 -28.21
C ARG B 81 8.32 1.35 -28.02
N LEU B 82 8.54 0.46 -28.97
CA LEU B 82 9.67 -0.46 -28.93
C LEU B 82 10.73 0.06 -29.89
N LEU B 83 11.89 0.41 -29.35
CA LEU B 83 12.96 0.95 -30.18
C LEU B 83 13.80 -0.16 -30.80
N GLY B 84 13.99 -1.26 -30.09
CA GLY B 84 14.75 -2.37 -30.62
C GLY B 84 15.05 -3.38 -29.53
N VAL B 85 15.79 -4.40 -29.93
CA VAL B 85 16.19 -5.48 -29.03
C VAL B 85 17.69 -5.71 -29.16
N CYS B 86 18.35 -6.00 -28.05
CA CYS B 86 19.72 -6.46 -28.04
C CYS B 86 19.78 -7.90 -27.56
N ILE B 87 20.80 -8.63 -28.03
CA ILE B 87 21.12 -9.95 -27.54
C ILE B 87 22.60 -9.91 -27.17
N GLU B 88 22.90 -10.11 -25.89
CA GLU B 88 24.26 -10.07 -25.40
C GLU B 88 24.69 -11.46 -24.92
N MET B 89 25.98 -11.73 -25.04
CA MET B 89 26.53 -13.01 -24.60
C MET B 89 27.41 -12.82 -23.36
N ILE B 94 25.93 -17.38 -24.10
CA ILE B 94 24.82 -17.35 -23.15
C ILE B 94 23.87 -16.20 -23.47
N PRO B 95 22.67 -16.54 -23.95
CA PRO B 95 21.71 -15.50 -24.33
C PRO B 95 21.29 -14.65 -23.14
N LYS B 96 21.35 -13.33 -23.31
CA LYS B 96 20.83 -12.37 -22.35
C LYS B 96 20.00 -11.34 -23.10
N PRO B 97 18.79 -11.69 -23.54
CA PRO B 97 17.94 -10.72 -24.23
C PRO B 97 17.70 -9.47 -23.40
N MET B 98 17.45 -8.37 -24.10
CA MET B 98 17.13 -7.10 -23.46
C MET B 98 16.24 -6.28 -24.38
N VAL B 99 15.29 -5.57 -23.79
CA VAL B 99 14.29 -4.80 -24.51
C VAL B 99 14.57 -3.32 -24.27
N ILE B 100 14.55 -2.53 -25.34
CA ILE B 100 14.91 -1.11 -25.29
C ILE B 100 13.66 -0.30 -25.58
N LEU B 101 13.31 0.58 -24.66
CA LEU B 101 12.21 1.53 -24.79
C LEU B 101 12.70 2.91 -24.41
N PRO B 102 12.04 3.97 -24.90
CA PRO B 102 12.44 5.32 -24.51
C PRO B 102 12.33 5.55 -23.01
N PHE B 103 13.28 6.30 -22.46
CA PHE B 103 13.24 6.68 -21.05
C PHE B 103 12.23 7.81 -20.84
N MET B 104 11.47 7.72 -19.75
CA MET B 104 10.49 8.73 -19.39
C MET B 104 10.76 9.16 -17.96
N LYS B 105 11.30 10.37 -17.79
CA LYS B 105 11.75 10.83 -16.49
C LYS B 105 10.63 10.87 -15.45
N TYR B 106 9.39 10.99 -15.89
CA TYR B 106 8.28 11.16 -14.96
C TYR B 106 7.77 9.85 -14.38
N GLY B 107 8.37 8.72 -14.74
CA GLY B 107 8.11 7.44 -14.11
C GLY B 107 6.70 6.89 -14.35
N ASP B 108 6.33 5.96 -13.48
CA ASP B 108 5.04 5.28 -13.58
C ASP B 108 3.93 6.14 -12.98
N LEU B 109 2.70 5.90 -13.46
CA LEU B 109 1.55 6.66 -12.97
C LEU B 109 1.28 6.40 -11.49
N HIS B 110 1.43 5.15 -11.05
CA HIS B 110 1.09 4.81 -9.67
C HIS B 110 1.97 5.56 -8.68
N THR B 111 3.29 5.51 -8.87
CA THR B 111 4.20 6.29 -8.04
C THR B 111 3.89 7.78 -8.15
N TYR B 112 3.61 8.26 -9.36
CA TYR B 112 3.32 9.68 -9.55
C TYR B 112 2.07 10.09 -8.79
N LEU B 113 1.06 9.22 -8.72
CA LEU B 113 -0.15 9.54 -7.95
C LEU B 113 0.20 9.73 -6.48
N LEU B 114 1.00 8.81 -5.91
CA LEU B 114 1.46 8.95 -4.54
C LEU B 114 2.21 10.26 -4.33
N TYR B 115 3.08 10.63 -5.28
CA TYR B 115 3.87 11.85 -5.15
C TYR B 115 2.99 13.08 -5.11
N SER B 116 1.86 13.07 -5.82
CA SER B 116 0.96 14.22 -5.82
C SER B 116 0.45 14.54 -4.42
N ARG B 117 0.34 13.54 -3.55
CA ARG B 117 -0.19 13.72 -2.20
C ARG B 117 0.82 14.38 -1.26
N LEU B 118 2.04 14.66 -1.71
CA LEU B 118 3.06 15.25 -0.86
C LEU B 118 3.35 16.69 -1.31
N GLU B 119 3.60 17.55 -0.32
CA GLU B 119 3.89 18.96 -0.57
C GLU B 119 5.00 19.14 -1.61
N THR B 120 6.09 18.39 -1.45
CA THR B 120 7.25 18.59 -2.31
C THR B 120 7.03 18.03 -3.71
N GLY B 121 6.22 16.97 -3.83
CA GLY B 121 5.98 16.34 -5.09
C GLY B 121 5.05 17.16 -5.96
N PRO B 122 4.71 16.62 -7.13
CA PRO B 122 3.87 17.36 -8.08
C PRO B 122 2.58 17.83 -7.44
N LYS B 123 2.10 18.98 -7.90
CA LYS B 123 0.94 19.64 -7.32
C LYS B 123 -0.28 18.72 -7.34
N HIS B 124 -1.26 19.06 -6.50
CA HIS B 124 -2.45 18.23 -6.37
C HIS B 124 -3.16 18.11 -7.72
N ILE B 125 -3.35 16.88 -8.16
CA ILE B 125 -3.87 16.59 -9.50
C ILE B 125 -5.36 16.88 -9.55
N PRO B 126 -5.80 17.86 -10.34
CA PRO B 126 -7.24 18.14 -10.44
C PRO B 126 -7.97 17.04 -11.19
N LEU B 127 -9.22 16.82 -10.77
CA LEU B 127 -10.10 15.78 -11.31
C LEU B 127 -10.04 15.70 -12.83
N GLN B 128 -9.98 16.85 -13.50
CA GLN B 128 -9.92 16.86 -14.97
C GLN B 128 -8.64 16.18 -15.46
N THR B 129 -7.50 16.49 -14.84
CA THR B 129 -6.26 15.82 -15.21
C THR B 129 -6.33 14.32 -14.93
N LEU B 130 -6.89 13.95 -13.77
CA LEU B 130 -7.12 12.54 -13.47
C LEU B 130 -7.96 11.87 -14.55
N LEU B 131 -9.00 12.57 -15.02
CA LEU B 131 -9.81 12.06 -16.13
C LEU B 131 -8.98 11.85 -17.37
N LYS B 132 -8.11 12.82 -17.71
CA LYS B 132 -7.27 12.71 -18.88
C LYS B 132 -6.35 11.50 -18.79
N PHE B 133 -5.82 11.22 -17.60
CA PHE B 133 -5.04 10.00 -17.39
C PHE B 133 -5.83 8.78 -17.80
N MET B 134 -7.10 8.71 -17.41
CA MET B 134 -7.95 7.59 -17.77
C MET B 134 -8.21 7.56 -19.27
N VAL B 135 -8.61 8.71 -19.84
CA VAL B 135 -8.83 8.81 -21.28
C VAL B 135 -7.62 8.31 -22.06
N ASP B 136 -6.42 8.72 -21.64
CA ASP B 136 -5.20 8.31 -22.32
C ASP B 136 -5.03 6.79 -22.30
N ILE B 137 -5.29 6.17 -21.15
CA ILE B 137 -5.12 4.72 -21.05
C ILE B 137 -6.14 3.99 -21.92
N ALA B 138 -7.39 4.48 -21.93
CA ALA B 138 -8.40 3.88 -22.81
C ALA B 138 -8.00 3.98 -24.28
N LEU B 139 -7.49 5.14 -24.69
CA LEU B 139 -7.03 5.31 -26.06
C LEU B 139 -5.96 4.28 -26.41
N GLY B 140 -5.06 3.99 -25.48
CA GLY B 140 -4.05 2.98 -25.74
C GLY B 140 -4.58 1.58 -25.71
N MET B 141 -5.60 1.32 -24.89
CA MET B 141 -6.21 0.00 -24.84
C MET B 141 -7.08 -0.24 -26.07
N GLU B 142 -7.84 0.79 -26.48
CA GLU B 142 -8.63 0.69 -27.72
C GLU B 142 -7.75 0.28 -28.89
N TYR B 143 -6.66 1.02 -29.13
CA TYR B 143 -5.68 0.66 -30.15
C TYR B 143 -5.26 -0.80 -30.02
N LEU B 144 -4.87 -1.21 -28.81
CA LEU B 144 -4.31 -2.54 -28.61
C LEU B 144 -5.38 -3.63 -28.74
N SER B 145 -6.58 -3.35 -28.25
CA SER B 145 -7.64 -4.35 -28.32
C SER B 145 -8.19 -4.47 -29.73
N ASN B 146 -8.29 -3.35 -30.46
CA ASN B 146 -8.67 -3.42 -31.87
C ASN B 146 -7.70 -4.28 -32.66
N ARG B 147 -6.41 -4.24 -32.32
CA ARG B 147 -5.42 -5.15 -32.88
C ARG B 147 -5.54 -6.56 -32.32
N ASN B 148 -6.52 -6.81 -31.44
CA ASN B 148 -6.71 -8.11 -30.78
C ASN B 148 -5.47 -8.52 -29.98
N PHE B 149 -4.89 -7.57 -29.26
CA PHE B 149 -3.86 -7.83 -28.28
C PHE B 149 -4.47 -7.94 -26.89
N LEU B 150 -3.91 -8.82 -26.06
CA LEU B 150 -4.29 -8.92 -24.65
C LEU B 150 -3.14 -8.39 -23.82
N HIS B 151 -3.37 -7.27 -23.12
CA HIS B 151 -2.37 -6.74 -22.19
C HIS B 151 -2.04 -7.75 -21.10
N ARG B 152 -3.06 -8.12 -20.31
CA ARG B 152 -3.09 -9.12 -19.24
C ARG B 152 -2.39 -8.67 -17.97
N ASP B 153 -1.80 -7.47 -17.94
CA ASP B 153 -1.21 -6.92 -16.72
C ASP B 153 -1.59 -5.45 -16.52
N LEU B 154 -2.83 -5.09 -16.76
CA LEU B 154 -3.18 -3.67 -16.67
C LEU B 154 -3.26 -3.24 -15.21
N ALA B 155 -2.60 -2.13 -14.89
CA ALA B 155 -2.58 -1.56 -13.55
C ALA B 155 -1.87 -0.22 -13.63
N ALA B 156 -2.17 0.65 -12.66
CA ALA B 156 -1.56 1.99 -12.66
C ALA B 156 -0.04 1.93 -12.60
N ARG B 157 0.54 0.88 -12.03
CA ARG B 157 1.99 0.75 -12.02
C ARG B 157 2.55 0.48 -13.41
N ASN B 158 1.76 -0.13 -14.29
CA ASN B 158 2.20 -0.47 -15.63
C ASN B 158 1.86 0.61 -16.66
N CYS B 159 1.63 1.84 -16.22
CA CYS B 159 1.34 2.96 -17.09
C CYS B 159 2.41 4.01 -16.90
N MET B 160 3.04 4.44 -18.00
CA MET B 160 4.15 5.37 -17.95
C MET B 160 3.70 6.78 -18.28
N LEU B 161 4.42 7.75 -17.75
CA LEU B 161 4.15 9.16 -17.99
C LEU B 161 5.18 9.73 -18.95
N ARG B 162 4.77 9.88 -20.21
CA ARG B 162 5.56 10.60 -21.21
C ARG B 162 5.89 12.01 -20.75
N ASP B 163 6.98 12.55 -21.30
CA ASP B 163 7.48 13.85 -20.88
C ASP B 163 6.49 14.98 -21.17
N ASP B 164 5.50 14.74 -22.02
CA ASP B 164 4.44 15.69 -22.31
C ASP B 164 3.26 15.54 -21.35
N MET B 165 3.43 14.73 -20.30
CA MET B 165 2.41 14.43 -19.29
C MET B 165 1.16 13.77 -19.86
N THR B 166 1.28 13.14 -21.03
CA THR B 166 0.30 12.16 -21.45
C THR B 166 0.72 10.78 -20.95
N VAL B 167 -0.26 9.88 -20.83
CA VAL B 167 -0.03 8.54 -20.33
C VAL B 167 0.03 7.56 -21.49
N CYS B 168 0.99 6.65 -21.44
CA CYS B 168 1.05 5.53 -22.37
C CYS B 168 0.94 4.22 -21.61
N VAL B 169 0.54 3.18 -22.33
CA VAL B 169 0.33 1.84 -21.78
C VAL B 169 1.58 1.01 -22.04
N ALA B 170 2.06 0.30 -21.01
CA ALA B 170 3.27 -0.50 -21.15
C ALA B 170 3.04 -1.84 -20.47
N ASP B 171 4.10 -2.65 -20.38
CA ASP B 171 3.99 -4.02 -19.90
C ASP B 171 5.28 -4.37 -19.17
N PHE B 172 5.25 -4.26 -17.84
CA PHE B 172 6.43 -4.58 -17.03
C PHE B 172 6.78 -6.07 -17.15
N PRO B 193 -0.81 -10.10 -8.26
CA PRO B 193 -1.69 -9.03 -8.69
C PRO B 193 -3.16 -9.47 -8.77
N VAL B 194 -3.55 -10.37 -7.86
CA VAL B 194 -4.88 -10.96 -7.91
C VAL B 194 -6.00 -9.92 -7.83
N LYS B 195 -5.70 -8.72 -7.34
CA LYS B 195 -6.73 -7.69 -7.24
C LYS B 195 -7.03 -6.99 -8.56
N TRP B 196 -6.27 -7.28 -9.63
CA TRP B 196 -6.55 -6.72 -10.94
C TRP B 196 -7.08 -7.77 -11.91
N ILE B 197 -7.37 -8.97 -11.44
CA ILE B 197 -7.74 -10.10 -12.30
C ILE B 197 -9.26 -10.27 -12.24
N ALA B 198 -9.88 -10.35 -13.41
CA ALA B 198 -11.33 -10.47 -13.49
C ALA B 198 -11.80 -11.81 -12.93
N ILE B 199 -13.02 -11.81 -12.40
CA ILE B 199 -13.53 -12.98 -11.68
C ILE B 199 -13.63 -14.19 -12.59
N GLU B 200 -13.97 -13.98 -13.87
CA GLU B 200 -13.99 -15.09 -14.81
C GLU B 200 -12.58 -15.61 -15.09
N SER B 201 -11.58 -14.74 -15.00
CA SER B 201 -10.20 -15.18 -15.17
C SER B 201 -9.60 -15.79 -13.91
N LEU B 202 -10.17 -15.50 -12.73
CA LEU B 202 -9.76 -16.22 -11.53
C LEU B 202 -10.19 -17.68 -11.56
N ALA B 203 -11.45 -17.93 -11.93
CA ALA B 203 -11.98 -19.29 -11.93
C ALA B 203 -11.20 -20.18 -12.90
N ASP B 204 -11.23 -19.83 -14.17
CA ASP B 204 -10.51 -20.47 -15.26
C ASP B 204 -9.15 -19.80 -15.43
N ARG B 205 -8.46 -20.15 -16.51
CA ARG B 205 -7.32 -19.39 -16.99
C ARG B 205 -7.71 -18.61 -18.23
N VAL B 206 -9.00 -18.60 -18.53
CA VAL B 206 -9.58 -17.76 -19.57
C VAL B 206 -9.15 -16.32 -19.38
N TYR B 207 -8.88 -15.64 -20.50
CA TYR B 207 -8.58 -14.22 -20.50
C TYR B 207 -8.94 -13.66 -21.88
N THR B 208 -9.74 -12.60 -21.88
CA THR B 208 -10.19 -11.94 -23.10
C THR B 208 -10.05 -10.43 -22.90
N SER B 209 -10.28 -9.67 -23.96
CA SER B 209 -10.22 -8.22 -23.85
C SER B 209 -11.18 -7.70 -22.78
N LYS B 210 -12.29 -8.40 -22.56
CA LYS B 210 -13.18 -8.04 -21.45
C LYS B 210 -12.49 -8.17 -20.10
N SER B 211 -11.50 -9.06 -19.98
CA SER B 211 -10.72 -9.15 -18.75
C SER B 211 -9.87 -7.90 -18.55
N ASP B 212 -9.28 -7.38 -19.63
CA ASP B 212 -8.52 -6.14 -19.53
C ASP B 212 -9.44 -4.97 -19.18
N VAL B 213 -10.64 -4.95 -19.75
CA VAL B 213 -11.66 -3.97 -19.34
C VAL B 213 -11.84 -3.99 -17.82
N TRP B 214 -11.83 -5.18 -17.22
CA TRP B 214 -11.95 -5.28 -15.77
C TRP B 214 -10.77 -4.62 -15.09
N ALA B 215 -9.55 -4.97 -15.50
CA ALA B 215 -8.36 -4.35 -14.93
C ALA B 215 -8.35 -2.84 -15.16
N PHE B 216 -8.84 -2.39 -16.31
CA PHE B 216 -8.95 -0.96 -16.56
C PHE B 216 -9.86 -0.29 -15.53
N GLY B 217 -10.98 -0.94 -15.19
CA GLY B 217 -11.83 -0.43 -14.12
C GLY B 217 -11.08 -0.26 -12.81
N VAL B 218 -10.32 -1.28 -12.42
CA VAL B 218 -9.48 -1.18 -11.23
C VAL B 218 -8.47 -0.05 -11.39
N THR B 219 -7.84 0.05 -12.56
CA THR B 219 -6.89 1.12 -12.81
C THR B 219 -7.56 2.49 -12.69
N MET B 220 -8.76 2.62 -13.25
CA MET B 220 -9.55 3.83 -13.02
C MET B 220 -9.71 4.13 -11.54
N TRP B 221 -9.90 3.08 -10.73
CA TRP B 221 -10.14 3.26 -9.31
C TRP B 221 -8.85 3.68 -8.60
N GLU B 222 -7.73 3.01 -8.91
CA GLU B 222 -6.42 3.48 -8.48
C GLU B 222 -6.26 4.97 -8.70
N ILE B 223 -6.61 5.44 -9.89
CA ILE B 223 -6.40 6.86 -10.23
C ILE B 223 -7.38 7.74 -9.45
N ALA B 224 -8.64 7.33 -9.36
CA ALA B 224 -9.61 8.07 -8.57
C ALA B 224 -9.18 8.18 -7.10
N THR B 225 -8.54 7.13 -6.59
CA THR B 225 -8.06 7.11 -5.21
C THR B 225 -6.64 7.66 -5.06
N ARG B 226 -6.00 8.02 -6.18
CA ARG B 226 -4.65 8.59 -6.17
C ARG B 226 -3.63 7.63 -5.56
N GLY B 227 -3.81 6.34 -5.84
CA GLY B 227 -2.81 5.34 -5.50
C GLY B 227 -3.15 4.39 -4.38
N MET B 228 -4.40 4.37 -3.91
CA MET B 228 -4.77 3.39 -2.89
C MET B 228 -4.69 1.97 -3.43
N THR B 229 -4.41 1.02 -2.54
CA THR B 229 -4.43 -0.38 -2.93
C THR B 229 -5.88 -0.84 -3.07
N PRO B 230 -6.24 -1.49 -4.17
CA PRO B 230 -7.61 -2.00 -4.33
C PRO B 230 -8.07 -2.83 -3.14
N TYR B 231 -9.36 -2.70 -2.82
CA TYR B 231 -10.04 -3.47 -1.79
C TYR B 231 -9.35 -3.34 -0.44
N PRO B 232 -9.36 -2.16 0.18
CA PRO B 232 -8.86 -2.04 1.56
C PRO B 232 -9.57 -2.99 2.50
N GLY B 233 -8.82 -3.54 3.46
CA GLY B 233 -9.37 -4.49 4.40
C GLY B 233 -9.68 -5.86 3.83
N VAL B 234 -9.47 -6.10 2.55
CA VAL B 234 -9.76 -7.39 1.92
C VAL B 234 -8.45 -8.04 1.51
N GLN B 235 -8.29 -9.31 1.87
CA GLN B 235 -7.06 -10.05 1.71
C GLN B 235 -7.00 -10.74 0.34
N ASN B 236 -5.79 -10.81 -0.21
CA ASN B 236 -5.50 -11.44 -1.50
C ASN B 236 -6.19 -12.79 -1.66
N HIS B 237 -6.24 -13.59 -0.58
CA HIS B 237 -6.86 -14.90 -0.64
C HIS B 237 -8.36 -14.84 -0.49
N GLU B 238 -8.89 -13.76 0.08
CA GLU B 238 -10.33 -13.54 0.23
C GLU B 238 -10.99 -13.10 -1.06
N MET B 239 -10.22 -12.87 -2.14
CA MET B 239 -10.71 -12.07 -3.26
C MET B 239 -11.75 -12.82 -4.08
N TYR B 240 -11.43 -14.02 -4.55
CA TYR B 240 -12.38 -14.78 -5.36
C TYR B 240 -13.71 -14.97 -4.64
N ASP B 241 -13.66 -15.29 -3.34
CA ASP B 241 -14.89 -15.40 -2.56
C ASP B 241 -15.56 -14.04 -2.41
N TYR B 242 -14.77 -12.99 -2.17
CA TYR B 242 -15.32 -11.64 -2.08
C TYR B 242 -16.00 -11.23 -3.39
N LEU B 243 -15.37 -11.54 -4.53
CA LEU B 243 -15.95 -11.18 -5.81
C LEU B 243 -17.15 -12.04 -6.16
N LEU B 244 -17.10 -13.33 -5.81
CA LEU B 244 -18.18 -14.24 -6.18
C LEU B 244 -19.49 -13.91 -5.47
N HIS B 245 -19.44 -13.19 -4.35
CA HIS B 245 -20.64 -12.84 -3.62
C HIS B 245 -21.25 -11.52 -4.09
N GLY B 246 -20.72 -10.95 -5.17
CA GLY B 246 -21.29 -9.76 -5.76
C GLY B 246 -20.76 -8.44 -5.24
N HIS B 247 -19.63 -8.45 -4.54
CA HIS B 247 -19.07 -7.20 -4.04
C HIS B 247 -18.05 -6.65 -5.03
N ARG B 248 -17.98 -5.33 -5.09
CA ARG B 248 -17.10 -4.61 -6.00
C ARG B 248 -16.33 -3.55 -5.24
N LEU B 249 -15.22 -3.09 -5.84
CA LEU B 249 -14.54 -1.90 -5.36
C LEU B 249 -15.55 -0.79 -5.08
N LYS B 250 -15.37 -0.10 -3.95
CA LYS B 250 -16.36 0.86 -3.49
C LYS B 250 -16.06 2.26 -4.03
N GLN B 251 -17.11 3.07 -4.07
CA GLN B 251 -17.02 4.41 -4.63
C GLN B 251 -16.09 5.29 -3.81
N PRO B 252 -15.11 5.93 -4.44
CA PRO B 252 -14.23 6.85 -3.70
C PRO B 252 -14.99 8.08 -3.22
N GLU B 253 -14.39 8.76 -2.22
CA GLU B 253 -15.10 9.74 -1.42
C GLU B 253 -15.63 10.89 -2.27
N ASP B 254 -14.77 11.53 -3.04
CA ASP B 254 -15.14 12.74 -3.79
C ASP B 254 -15.04 12.48 -5.28
N CYS B 255 -15.49 11.30 -5.69
CA CYS B 255 -15.50 10.88 -7.09
C CYS B 255 -16.91 10.98 -7.64
N LEU B 256 -17.02 11.50 -8.87
CA LEU B 256 -18.32 11.76 -9.47
C LEU B 256 -19.11 10.47 -9.65
N ASP B 257 -20.44 10.57 -9.45
CA ASP B 257 -21.31 9.42 -9.60
C ASP B 257 -21.20 8.81 -10.99
N GLU B 258 -21.08 9.65 -12.02
CA GLU B 258 -21.00 9.13 -13.38
C GLU B 258 -19.64 8.50 -13.66
N LEU B 259 -18.57 9.07 -13.09
CA LEU B 259 -17.26 8.43 -13.20
C LEU B 259 -17.27 7.04 -12.57
N TYR B 260 -17.99 6.88 -11.45
CA TYR B 260 -18.05 5.57 -10.82
C TYR B 260 -18.94 4.61 -11.58
N GLU B 261 -20.00 5.11 -12.22
CA GLU B 261 -20.82 4.25 -13.07
C GLU B 261 -19.99 3.65 -14.20
N ILE B 262 -19.09 4.44 -14.80
CA ILE B 262 -18.25 3.95 -15.89
C ILE B 262 -17.34 2.84 -15.40
N MET B 263 -16.65 3.06 -14.28
CA MET B 263 -15.71 2.06 -13.79
C MET B 263 -16.43 0.84 -13.23
N TYR B 264 -17.67 1.01 -12.77
CA TYR B 264 -18.44 -0.15 -12.28
C TYR B 264 -18.80 -1.08 -13.42
N SER B 265 -19.24 -0.52 -14.56
CA SER B 265 -19.58 -1.35 -15.72
C SER B 265 -18.43 -2.25 -16.14
N CYS B 266 -17.18 -1.86 -15.83
CA CYS B 266 -16.04 -2.71 -16.14
C CYS B 266 -16.01 -3.96 -15.28
N TRP B 267 -16.75 -3.98 -14.17
CA TRP B 267 -16.70 -5.09 -13.21
C TRP B 267 -17.92 -6.00 -13.28
N ARG B 268 -18.77 -5.85 -14.31
CA ARG B 268 -19.94 -6.70 -14.42
C ARG B 268 -19.55 -8.17 -14.48
N THR B 269 -20.35 -9.02 -13.84
CA THR B 269 -20.03 -10.44 -13.74
C THR B 269 -19.83 -11.08 -15.10
N ASP B 270 -20.71 -10.76 -16.06
CA ASP B 270 -20.61 -11.34 -17.40
C ASP B 270 -19.68 -10.49 -18.25
N PRO B 271 -18.58 -11.05 -18.75
CA PRO B 271 -17.70 -10.29 -19.67
C PRO B 271 -18.45 -9.64 -20.83
N LEU B 272 -19.51 -10.28 -21.34
CA LEU B 272 -20.23 -9.72 -22.48
C LEU B 272 -20.97 -8.44 -22.09
N ASP B 273 -21.43 -8.34 -20.85
CA ASP B 273 -22.11 -7.13 -20.39
C ASP B 273 -21.15 -5.97 -20.15
N ARG B 274 -19.86 -6.23 -20.10
CA ARG B 274 -18.89 -5.16 -19.96
C ARG B 274 -18.74 -4.41 -21.28
N PRO B 275 -18.49 -3.11 -21.23
CA PRO B 275 -18.30 -2.34 -22.46
C PRO B 275 -16.90 -2.55 -23.02
N THR B 276 -16.72 -2.08 -24.26
CA THR B 276 -15.42 -2.20 -24.90
C THR B 276 -14.57 -0.98 -24.57
N PHE B 277 -13.27 -1.09 -24.84
CA PHE B 277 -12.36 0.03 -24.64
C PHE B 277 -12.75 1.22 -25.51
N SER B 278 -13.35 0.96 -26.67
CA SER B 278 -13.80 2.06 -27.53
C SER B 278 -15.00 2.78 -26.92
N VAL B 279 -15.92 2.03 -26.30
CA VAL B 279 -17.07 2.63 -25.65
C VAL B 279 -16.63 3.40 -24.41
N LEU B 280 -15.83 2.75 -23.56
CA LEU B 280 -15.26 3.42 -22.38
C LEU B 280 -14.56 4.71 -22.76
N ARG B 281 -13.72 4.65 -23.81
CA ARG B 281 -12.96 5.83 -24.24
C ARG B 281 -13.88 7.02 -24.53
N LEU B 282 -15.03 6.77 -25.16
CA LEU B 282 -15.94 7.86 -25.49
C LEU B 282 -16.75 8.30 -24.28
N GLN B 283 -17.10 7.38 -23.39
CA GLN B 283 -17.77 7.75 -22.15
C GLN B 283 -16.93 8.75 -21.36
N LEU B 284 -15.66 8.42 -21.12
CA LEU B 284 -14.77 9.31 -20.39
C LEU B 284 -14.63 10.66 -21.08
N GLU B 285 -14.53 10.66 -22.42
CA GLU B 285 -14.33 11.91 -23.15
C GLU B 285 -15.51 12.85 -22.96
N LYS B 286 -16.74 12.32 -22.94
CA LYS B 286 -17.90 13.15 -22.67
C LYS B 286 -17.84 13.73 -21.26
N LEU B 287 -17.60 12.88 -20.26
CA LEU B 287 -17.46 13.34 -18.88
C LEU B 287 -16.46 14.47 -18.75
N LEU B 288 -15.31 14.34 -19.41
CA LEU B 288 -14.27 15.37 -19.33
C LEU B 288 -14.75 16.67 -19.96
N GLU B 289 -15.34 16.59 -21.16
CA GLU B 289 -15.84 17.79 -21.82
C GLU B 289 -17.02 18.38 -21.07
N SER B 290 -17.86 17.53 -20.48
CA SER B 290 -19.01 18.03 -19.73
C SER B 290 -18.58 18.82 -18.50
N LEU B 291 -17.39 18.56 -17.97
CA LEU B 291 -16.91 19.31 -16.82
C LEU B 291 -16.38 20.67 -17.28
N PRO B 292 -16.45 21.68 -16.42
CA PRO B 292 -15.80 22.95 -16.73
C PRO B 292 -14.29 22.79 -16.72
N ASP B 293 -13.62 23.80 -17.25
CA ASP B 293 -12.17 23.76 -17.44
C ASP B 293 -11.42 24.34 -16.26
C10 A1L6K C . -11.14 -6.94 13.80
C11 A1L6K C . -7.99 -8.05 14.22
C12 A1L6K C . -7.14 -9.07 14.61
C13 A1L6K C . -6.23 -9.63 13.73
C14 A1L6K C . -6.17 -9.18 12.42
C15 A1L6K C . -7.02 -8.18 12.01
C16 A1L6K C . -7.94 -7.61 12.90
C21 A1L6K C . -12.17 -5.99 13.60
C22 A1L6K C . -13.75 -5.39 11.84
C24 A1L6K C . -5.49 -8.07 18.23
C25 A1L6K C . -4.96 -9.26 18.66
C26 A1L6K C . -3.96 -9.27 19.62
C27 A1L6K C . -3.50 -8.08 20.15
C28 A1L6K C . -4.03 -6.87 19.73
C36 A1L6K C . -0.78 -7.49 22.93
C37 A1L6K C . -0.38 -8.82 23.17
C40 A1L6K C . 0.02 -6.68 23.76
O41 A1L6K C . -0.81 -9.80 22.66
C42 A1L6K C . 1.28 -9.90 24.61
C43 A1L6K C . 1.81 -7.10 25.40
C01 A1L6K C . -8.76 -7.36 16.73
C02 A1L6K C . -9.94 -6.85 17.23
C04 A1L6K C . -9.10 -6.81 19.40
C06 A1L6K C . -7.73 -7.59 17.69
C07 A1L6K C . -8.97 -7.50 15.27
C08 A1L6K C . -10.30 -7.05 15.08
C17 A1L6K C . -6.93 -7.72 10.55
C18 A1L6K C . -11.12 -7.69 12.61
C29 A1L6K C . -5.03 -6.86 18.75
C32 A1L6K C . -7.91 -6.20 9.05
C33 A1L6K C . -6.07 -5.55 10.39
C34 A1L6K C . -1.88 -7.07 21.93
C44 A1L6K C . 0.82 -10.48 25.79
C45 A1L6K C . 1.52 -11.55 26.32
C46 A1L6K C . 2.64 -12.02 25.67
C47 A1L6K C . 3.09 -11.44 24.49
C48 A1L6K C . 2.40 -10.37 23.96
F49 A1L6K C . 3.31 -13.07 26.20
N03 A1L6K C . -10.09 -6.59 18.56
N05 A1L6K C . -7.93 -7.32 18.98
N19 A1L6K C . -12.04 -7.19 11.82
N20 A1L6K C . -12.67 -6.18 12.41
N30 A1L6K C . -2.46 -8.17 21.16
N31 A1L6K C . -7.28 -6.34 10.36
N38 A1L6K C . 0.57 -8.77 24.06
N39 A1L6K C . 0.81 -7.51 24.43
O09 A1L6K C . -10.81 -6.69 16.22
O23 A1L6K C . -6.50 -8.11 17.24
O35 A1L6K C . -2.21 -5.94 21.82
C10 A1L6K D . 11.74 5.42 -13.86
C11 A1L6K D . 10.90 2.26 -14.22
C12 A1L6K D . 11.57 1.06 -14.35
C13 A1L6K D . 11.45 0.09 -13.38
C14 A1L6K D . 10.64 0.30 -12.28
C15 A1L6K D . 9.96 1.49 -12.14
C16 A1L6K D . 10.07 2.48 -13.12
C21 A1L6K D . 12.32 4.89 -12.68
C22 A1L6K D . 12.95 5.76 -10.47
C24 A1L6K D . 9.75 -0.12 -18.08
C25 A1L6K D . 10.60 -1.13 -18.52
C26 A1L6K D . 10.15 -2.06 -19.45
C27 A1L6K D . 8.86 -1.99 -19.96
C28 A1L6K D . 8.01 -0.98 -19.52
C36 A1L6K D . 7.04 -4.03 -22.84
C37 A1L6K D . 7.84 -5.19 -22.99
C40 A1L6K D . 5.95 -4.22 -23.72
O41 A1L6K D . 8.84 -5.43 -22.42
C42 A1L6K D . 7.79 -7.24 -24.28
C43 A1L6K D . 5.23 -5.98 -25.31
C01 A1L6K D . 10.84 3.14 -16.76
C02 A1L6K D . 11.10 4.37 -17.33
C04 A1L6K D . 10.65 3.55 -19.46
C06 A1L6K D . 10.47 2.09 -17.66
C07 A1L6K D . 11.04 3.33 -15.32
C08 A1L6K D . 11.41 4.68 -15.17
C17 A1L6K D . 9.06 1.70 -10.92
C18 A1L6K D . 11.52 6.78 -13.57
C29 A1L6K D . 8.45 -0.05 -18.59
C32 A1L6K D . 8.68 2.89 -8.90
C33 A1L6K D . 10.89 2.63 -9.69
C34 A1L6K D . 7.34 -2.85 -21.90
C44 A1L6K D . 8.66 -7.32 -25.35
C45 A1L6K D . 9.17 -8.55 -25.73
C46 A1L6K D . 8.81 -9.68 -25.03
C47 A1L6K D . 7.95 -9.60 -23.95
C48 A1L6K D . 7.44 -8.37 -23.57
F49 A1L6K D . 9.32 -10.89 -25.39
N03 A1L6K D . 11.00 4.55 -18.67
N05 A1L6K D . 10.39 2.32 -18.97
N19 A1L6K D . 11.94 7.00 -12.35
N20 A1L6K D . 12.41 5.88 -11.82
N30 A1L6K D . 8.43 -3.00 -20.94
N31 A1L6K D . 9.51 2.82 -10.09
N38 A1L6K D . 7.25 -5.95 -23.88
N39 A1L6K D . 6.13 -5.40 -24.32
O09 A1L6K D . 11.43 5.24 -16.35
O23 A1L6K D . 10.20 0.82 -17.13
O35 A1L6K D . 6.67 -1.87 -21.97
#